data_2NR1
#
_entry.id   2NR1
#
_cell.length_a   1.000
_cell.length_b   1.000
_cell.length_c   1.000
_cell.angle_alpha   90.00
_cell.angle_beta   90.00
_cell.angle_gamma   90.00
#
_symmetry.space_group_name_H-M   'P 1'
#
_entity_poly.entity_id   1
_entity_poly.type   'polypeptide(L)'
_entity_poly.pdbx_seq_one_letter_code
;GSNGDALTLSSAMWFSWGVLLNSGIGE
;
_entity_poly.pdbx_strand_id   A
#
# COMPACT_ATOMS: atom_id res chain seq x y z
N ASP A 5 -16.71 -2.93 -0.32
CA ASP A 5 -16.43 -3.43 -1.66
C ASP A 5 -15.16 -2.80 -2.20
N ALA A 6 -15.30 -1.96 -3.26
CA ALA A 6 -14.09 -1.41 -3.86
C ALA A 6 -13.38 -0.43 -2.93
N LEU A 7 -14.07 0.00 -1.85
CA LEU A 7 -13.37 0.92 -0.96
C LEU A 7 -12.22 0.24 -0.22
N THR A 8 -12.57 -0.92 0.39
CA THR A 8 -11.53 -1.65 1.12
C THR A 8 -10.54 -2.25 0.11
N LEU A 9 -11.10 -2.63 -1.05
CA LEU A 9 -10.25 -3.24 -2.07
C LEU A 9 -9.31 -2.20 -2.69
N SER A 10 -9.84 -0.98 -2.83
CA SER A 10 -9.04 0.09 -3.38
C SER A 10 -7.97 0.52 -2.38
N SER A 11 -8.45 1.05 -1.22
CA SER A 11 -7.49 1.55 -0.23
C SER A 11 -6.43 0.47 0.08
N ALA A 12 -6.91 -0.80 0.14
CA ALA A 12 -5.99 -1.90 0.32
C ALA A 12 -4.87 -1.93 -0.75
N MET A 13 -5.26 -1.94 -2.04
CA MET A 13 -4.21 -1.90 -3.06
C MET A 13 -3.23 -0.74 -2.83
N TRP A 14 -3.82 0.38 -2.32
CA TRP A 14 -2.99 1.55 -2.06
C TRP A 14 -2.00 1.34 -0.88
N PHE A 15 -2.49 0.58 0.12
CA PHE A 15 -1.67 0.34 1.30
C PHE A 15 -0.42 -0.49 0.94
N SER A 16 -0.69 -1.55 0.15
CA SER A 16 0.42 -2.43 -0.22
C SER A 16 1.60 -1.63 -0.83
N TRP A 17 1.24 -0.85 -1.88
CA TRP A 17 2.24 -0.04 -2.55
C TRP A 17 2.94 0.92 -1.56
N GLY A 18 2.12 1.53 -0.67
CA GLY A 18 2.71 2.43 0.32
C GLY A 18 3.78 1.72 1.18
N VAL A 19 3.53 0.40 1.38
CA VAL A 19 4.53 -0.37 2.09
C VAL A 19 5.77 -0.47 1.24
N LEU A 20 5.61 -0.92 -0.04
CA LEU A 20 6.78 -1.07 -0.88
C LEU A 20 7.72 0.15 -0.86
N LEU A 21 7.07 1.32 -0.93
CA LEU A 21 7.85 2.54 -0.83
C LEU A 21 8.70 2.60 0.44
N ASN A 22 7.99 2.61 1.59
CA ASN A 22 8.72 2.67 2.85
C ASN A 22 9.57 1.43 3.09
N SER A 23 9.26 0.36 2.36
CA SER A 23 10.04 -0.86 2.46
C SER A 23 11.32 -0.79 1.61
N GLY A 24 11.36 0.17 0.66
CA GLY A 24 12.60 0.26 -0.11
C GLY A 24 13.55 1.26 0.53
N ILE A 25 12.93 2.35 1.04
CA ILE A 25 13.78 3.32 1.74
C ILE A 25 14.19 2.80 3.14
N GLY A 26 13.30 1.96 3.72
CA GLY A 26 13.57 1.48 5.07
C GLY A 26 14.44 0.24 5.06
N GLU A 27 14.14 -0.65 4.07
CA GLU A 27 14.85 -1.92 3.95
C GLU A 27 14.53 -2.82 5.17
N ASP A 5 -16.58 -2.08 0.16
CA ASP A 5 -16.55 -2.56 -1.21
C ASP A 5 -15.30 -2.07 -1.92
N ALA A 6 -15.49 -1.17 -2.90
CA ALA A 6 -14.34 -0.75 -3.67
C ALA A 6 -13.38 0.10 -2.83
N LEU A 7 -13.89 0.64 -1.70
CA LEU A 7 -13.02 1.47 -0.88
C LEU A 7 -11.91 0.65 -0.21
N THR A 8 -12.31 -0.51 0.34
CA THR A 8 -11.30 -1.38 0.92
C THR A 8 -10.51 -2.05 -0.18
N LEU A 9 -11.18 -2.34 -1.30
CA LEU A 9 -10.46 -2.93 -2.41
C LEU A 9 -9.40 -1.97 -2.97
N SER A 10 -9.76 -0.69 -2.95
CA SER A 10 -8.83 0.32 -3.42
C SER A 10 -7.73 0.53 -2.39
N SER A 11 -8.11 1.14 -1.25
CA SER A 11 -7.15 1.45 -0.21
C SER A 11 -6.22 0.24 0.06
N ALA A 12 -6.80 -0.97 0.00
CA ALA A 12 -5.98 -2.17 0.10
C ALA A 12 -4.78 -2.17 -0.87
N MET A 13 -5.03 -2.01 -2.19
CA MET A 13 -3.91 -1.98 -3.07
C MET A 13 -2.93 -0.80 -2.74
N TRP A 14 -3.52 0.24 -2.13
CA TRP A 14 -2.69 1.35 -1.69
C TRP A 14 -1.83 0.97 -0.47
N PHE A 15 -2.36 0.04 0.31
CA PHE A 15 -1.61 -0.36 1.50
C PHE A 15 -0.35 -1.14 1.10
N SER A 16 -0.54 -2.16 0.25
CA SER A 16 0.61 -2.96 -0.18
C SER A 16 1.68 -2.05 -0.82
N TRP A 17 1.19 -1.19 -1.74
CA TRP A 17 2.13 -0.32 -2.43
C TRP A 17 2.82 0.65 -1.44
N GLY A 18 2.04 1.07 -0.42
CA GLY A 18 2.61 1.97 0.57
C GLY A 18 3.71 1.28 1.37
N VAL A 19 3.57 -0.05 1.55
CA VAL A 19 4.61 -0.77 2.25
C VAL A 19 5.83 -0.88 1.37
N LEU A 20 5.64 -1.34 0.12
CA LEU A 20 6.81 -1.49 -0.75
C LEU A 20 7.57 -0.17 -0.91
N LEU A 21 6.83 0.92 -1.12
CA LEU A 21 7.52 2.19 -1.21
C LEU A 21 8.26 2.57 0.08
N ASN A 22 7.55 2.40 1.20
CA ASN A 22 8.20 2.76 2.47
C ASN A 22 9.25 1.69 2.85
N SER A 23 9.19 0.55 2.18
CA SER A 23 10.14 -0.51 2.46
C SER A 23 11.46 -0.22 1.75
N GLY A 24 11.34 0.49 0.60
CA GLY A 24 12.58 0.82 -0.10
C GLY A 24 13.27 2.01 0.54
N ILE A 25 12.45 2.96 1.02
CA ILE A 25 13.07 4.10 1.70
C ILE A 25 13.60 3.70 3.09
N GLY A 26 12.82 2.85 3.78
CA GLY A 26 13.25 2.41 5.10
C GLY A 26 14.59 1.66 5.03
N GLU A 27 14.66 0.72 4.05
CA GLU A 27 15.85 -0.10 3.88
C GLU A 27 16.04 -0.99 5.13
N ASP A 5 -16.83 -1.77 -0.14
CA ASP A 5 -16.59 -2.32 -1.47
C ASP A 5 -15.26 -1.89 -2.03
N ALA A 6 -15.32 -1.04 -3.07
CA ALA A 6 -14.06 -0.70 -3.71
C ALA A 6 -13.23 0.21 -2.79
N LEU A 7 -13.85 0.74 -1.72
CA LEU A 7 -13.08 1.61 -0.85
C LEU A 7 -11.99 0.83 -0.09
N THR A 8 -12.44 -0.25 0.59
CA THR A 8 -11.48 -1.08 1.28
C THR A 8 -10.65 -1.89 0.25
N LEU A 9 -11.31 -2.18 -0.88
CA LEU A 9 -10.61 -2.92 -1.91
C LEU A 9 -9.49 -2.05 -2.53
N SER A 10 -9.80 -0.77 -2.72
CA SER A 10 -8.85 0.16 -3.29
C SER A 10 -7.74 0.44 -2.28
N SER A 11 -8.15 1.04 -1.12
CA SER A 11 -7.18 1.40 -0.09
C SER A 11 -6.21 0.22 0.15
N ALA A 12 -6.79 -0.99 0.22
CA ALA A 12 -5.95 -2.18 0.32
C ALA A 12 -4.86 -2.26 -0.78
N MET A 13 -5.22 -2.18 -2.08
CA MET A 13 -4.17 -2.22 -3.06
C MET A 13 -3.11 -1.11 -2.84
N TRP A 14 -3.62 0.00 -2.29
CA TRP A 14 -2.73 1.11 -1.99
C TRP A 14 -1.78 0.77 -0.83
N PHE A 15 -2.27 -0.04 0.12
CA PHE A 15 -1.42 -0.37 1.27
C PHE A 15 -0.21 -1.18 0.80
N SER A 16 -0.50 -2.19 -0.04
CA SER A 16 0.61 -3.02 -0.50
C SER A 16 1.69 -2.17 -1.19
N TRP A 17 1.26 -1.42 -2.22
CA TRP A 17 2.22 -0.58 -2.91
C TRP A 17 2.83 0.48 -1.97
N GLY A 18 2.02 0.94 -1.02
CA GLY A 18 2.53 1.92 -0.08
C GLY A 18 3.61 1.33 0.82
N VAL A 19 3.51 0.01 1.04
CA VAL A 19 4.53 -0.63 1.85
C VAL A 19 5.81 -0.67 1.07
N LEU A 20 5.79 -1.18 -0.17
CA LEU A 20 7.00 -1.26 -0.98
C LEU A 20 7.79 0.06 -0.97
N LEU A 21 7.06 1.17 -1.20
CA LEU A 21 7.75 2.45 -1.14
C LEU A 21 8.44 2.66 0.23
N ASN A 22 7.62 2.54 1.28
CA ASN A 22 8.20 2.71 2.61
C ASN A 22 9.12 1.53 2.97
N SER A 23 9.13 0.49 2.15
CA SER A 23 10.04 -0.61 2.40
C SER A 23 11.41 -0.31 1.79
N GLY A 24 11.43 0.62 0.82
CA GLY A 24 12.76 0.94 0.28
C GLY A 24 13.43 2.04 1.10
N ILE A 25 12.66 3.09 1.41
CA ILE A 25 13.25 4.13 2.25
C ILE A 25 13.17 3.76 3.74
N GLY A 26 12.23 2.86 4.05
CA GLY A 26 12.08 2.50 5.45
C GLY A 26 12.95 1.31 5.85
N GLU A 27 13.22 0.42 4.86
CA GLU A 27 14.02 -0.79 5.07
C GLU A 27 13.17 -1.87 5.79
N ASP A 5 -16.35 -0.91 1.70
CA ASP A 5 -16.56 -1.69 0.50
C ASP A 5 -15.40 -1.41 -0.48
N ALA A 6 -15.67 -0.72 -1.61
CA ALA A 6 -14.60 -0.54 -2.59
C ALA A 6 -13.52 0.39 -2.06
N LEU A 7 -13.81 1.15 -0.99
CA LEU A 7 -12.78 2.05 -0.48
C LEU A 7 -11.63 1.23 0.15
N THR A 8 -12.03 0.25 0.97
CA THR A 8 -10.98 -0.56 1.58
C THR A 8 -10.39 -1.47 0.51
N LEU A 9 -11.25 -1.87 -0.44
CA LEU A 9 -10.79 -2.76 -1.48
C LEU A 9 -9.72 -2.03 -2.32
N SER A 10 -9.98 -0.75 -2.60
CA SER A 10 -9.03 -0.01 -3.40
C SER A 10 -7.78 0.34 -2.57
N SER A 11 -8.01 1.08 -1.47
CA SER A 11 -6.91 1.45 -0.60
C SER A 11 -6.07 0.24 -0.25
N ALA A 12 -6.68 -0.95 -0.24
CA ALA A 12 -5.91 -2.16 -0.04
C ALA A 12 -4.92 -2.42 -1.18
N MET A 13 -5.41 -2.65 -2.42
CA MET A 13 -4.46 -2.91 -3.51
C MET A 13 -3.42 -1.79 -3.63
N TRP A 14 -3.78 -0.58 -3.16
CA TRP A 14 -2.80 0.51 -3.13
C TRP A 14 -1.81 0.37 -1.97
N PHE A 15 -2.32 -0.15 -0.85
CA PHE A 15 -1.50 -0.29 0.34
C PHE A 15 -0.28 -1.15 0.03
N SER A 16 -0.50 -2.28 -0.65
CA SER A 16 0.63 -3.15 -0.99
C SER A 16 1.79 -2.36 -1.61
N TRP A 17 1.46 -1.47 -2.56
CA TRP A 17 2.51 -0.64 -3.11
C TRP A 17 3.04 0.34 -2.06
N GLY A 18 2.19 0.74 -1.13
CA GLY A 18 2.68 1.65 -0.10
C GLY A 18 3.61 0.94 0.88
N VAL A 19 3.59 -0.40 0.86
CA VAL A 19 4.49 -1.14 1.73
C VAL A 19 5.91 -1.09 1.16
N LEU A 20 6.09 -1.55 -0.08
CA LEU A 20 7.45 -1.52 -0.63
C LEU A 20 8.02 -0.09 -0.61
N LEU A 21 7.11 0.88 -0.81
CA LEU A 21 7.53 2.26 -0.75
C LEU A 21 8.17 2.58 0.60
N ASN A 22 7.41 2.38 1.68
CA ASN A 22 7.96 2.66 3.00
C ASN A 22 9.08 1.67 3.34
N SER A 23 9.12 0.59 2.57
CA SER A 23 10.15 -0.40 2.81
C SER A 23 11.44 0.01 2.11
N GLY A 24 11.39 0.99 1.20
CA GLY A 24 12.65 1.42 0.59
C GLY A 24 13.20 2.66 1.28
N ILE A 25 12.30 3.49 1.83
CA ILE A 25 12.81 4.61 2.60
C ILE A 25 13.11 4.19 4.05
N GLY A 26 12.34 3.22 4.53
CA GLY A 26 12.56 2.76 5.90
C GLY A 26 13.71 1.76 5.97
N GLU A 27 13.73 0.84 5.00
CA GLU A 27 14.76 -0.20 4.98
C GLU A 27 15.61 -0.04 3.69
N ASP A 5 -16.86 -2.58 -1.40
CA ASP A 5 -16.46 -3.20 -2.64
C ASP A 5 -15.11 -2.60 -3.11
N ALA A 6 -15.13 -1.77 -4.16
CA ALA A 6 -13.88 -1.25 -4.67
C ALA A 6 -13.26 -0.27 -3.68
N LEU A 7 -14.03 0.22 -2.70
CA LEU A 7 -13.43 1.15 -1.75
C LEU A 7 -12.42 0.43 -0.86
N THR A 8 -12.85 -0.69 -0.29
CA THR A 8 -11.95 -1.45 0.57
C THR A 8 -10.85 -2.09 -0.29
N LEU A 9 -11.26 -2.48 -1.50
CA LEU A 9 -10.32 -3.11 -2.41
C LEU A 9 -9.23 -2.11 -2.81
N SER A 10 -9.66 -0.87 -3.01
CA SER A 10 -8.74 0.17 -3.38
C SER A 10 -7.87 0.55 -2.18
N SER A 11 -8.51 1.06 -1.11
CA SER A 11 -7.75 1.44 0.07
C SER A 11 -6.77 0.34 0.48
N ALA A 12 -7.14 -0.92 0.24
CA ALA A 12 -6.20 -1.99 0.46
C ALA A 12 -4.98 -1.95 -0.50
N MET A 13 -5.18 -1.85 -1.83
CA MET A 13 -4.06 -1.77 -2.73
C MET A 13 -3.13 -0.57 -2.37
N TRP A 14 -3.74 0.38 -1.66
CA TRP A 14 -2.94 1.53 -1.26
C TRP A 14 -1.98 1.16 -0.13
N PHE A 15 -2.47 0.30 0.77
CA PHE A 15 -1.62 -0.07 1.90
C PHE A 15 -0.40 -0.86 1.42
N SER A 16 -0.66 -1.84 0.56
CA SER A 16 0.45 -2.66 0.07
C SER A 16 1.51 -1.78 -0.61
N TRP A 17 1.03 -0.78 -1.38
CA TRP A 17 1.95 0.12 -2.06
C TRP A 17 2.70 0.98 -1.03
N GLY A 18 2.08 1.27 0.12
CA GLY A 18 2.76 2.10 1.10
C GLY A 18 3.88 1.31 1.82
N VAL A 19 3.72 -0.02 1.84
CA VAL A 19 4.79 -0.83 2.40
C VAL A 19 5.99 -0.83 1.48
N LEU A 20 5.75 -1.13 0.21
CA LEU A 20 6.84 -1.17 -0.75
C LEU A 20 7.59 0.15 -0.76
N LEU A 21 6.82 1.24 -0.56
CA LEU A 21 7.45 2.54 -0.50
C LEU A 21 8.52 2.61 0.61
N ASN A 22 8.05 2.44 1.86
CA ASN A 22 9.01 2.50 2.94
C ASN A 22 10.00 1.33 2.85
N SER A 23 9.60 0.31 2.09
CA SER A 23 10.48 -0.83 1.93
C SER A 23 11.58 -0.53 0.91
N GLY A 24 11.38 0.51 0.08
CA GLY A 24 12.42 0.82 -0.90
C GLY A 24 13.36 1.90 -0.38
N ILE A 25 12.87 2.68 0.58
CA ILE A 25 13.80 3.62 1.21
C ILE A 25 14.62 2.90 2.29
N GLY A 26 14.00 1.93 2.96
CA GLY A 26 14.76 1.21 3.98
C GLY A 26 15.73 0.19 3.36
N GLU A 27 15.18 -0.66 2.48
CA GLU A 27 15.98 -1.69 1.81
C GLU A 27 16.16 -1.33 0.33
N ASP A 5 -16.52 -2.33 -1.38
CA ASP A 5 -16.22 -2.41 -2.80
C ASP A 5 -14.90 -1.75 -3.14
N ALA A 6 -14.95 -0.67 -3.94
CA ALA A 6 -13.71 -0.07 -4.37
C ALA A 6 -12.99 0.58 -3.20
N LEU A 7 -13.70 0.91 -2.12
CA LEU A 7 -13.00 1.56 -1.01
C LEU A 7 -12.01 0.61 -0.34
N THR A 8 -12.50 -0.57 0.07
CA THR A 8 -11.57 -1.53 0.66
C THR A 8 -10.66 -2.10 -0.41
N LEU A 9 -11.16 -2.21 -1.64
CA LEU A 9 -10.33 -2.70 -2.70
C LEU A 9 -9.16 -1.71 -2.96
N SER A 10 -9.51 -0.44 -2.95
CA SER A 10 -8.52 0.58 -3.18
C SER A 10 -7.59 0.68 -1.98
N SER A 11 -8.12 1.09 -0.83
CA SER A 11 -7.28 1.22 0.37
C SER A 11 -6.36 0.00 0.54
N ALA A 12 -6.88 -1.19 0.24
CA ALA A 12 -6.03 -2.38 0.28
C ALA A 12 -4.79 -2.22 -0.62
N MET A 13 -4.99 -1.86 -1.89
CA MET A 13 -3.80 -1.72 -2.74
C MET A 13 -2.88 -0.61 -2.19
N TRP A 14 -3.48 0.33 -1.43
CA TRP A 14 -2.69 1.41 -0.89
C TRP A 14 -1.75 0.93 0.20
N PHE A 15 -2.20 -0.06 0.98
CA PHE A 15 -1.35 -0.54 2.06
C PHE A 15 -0.20 -1.37 1.46
N SER A 16 -0.56 -2.41 0.70
CA SER A 16 0.50 -3.24 0.13
C SER A 16 1.51 -2.42 -0.68
N TRP A 17 1.00 -1.61 -1.62
CA TRP A 17 1.93 -0.79 -2.38
C TRP A 17 2.61 0.25 -1.47
N GLY A 18 1.88 0.67 -0.43
CA GLY A 18 2.46 1.62 0.52
C GLY A 18 3.66 1.02 1.23
N VAL A 19 3.62 -0.28 1.50
CA VAL A 19 4.74 -0.91 2.14
C VAL A 19 5.89 -0.99 1.16
N LEU A 20 5.67 -1.49 -0.05
CA LEU A 20 6.78 -1.61 -1.01
C LEU A 20 7.58 -0.32 -1.14
N LEU A 21 6.92 0.77 -1.51
CA LEU A 21 7.63 2.05 -1.59
C LEU A 21 8.24 2.43 -0.23
N ASN A 22 7.44 2.32 0.84
CA ASN A 22 7.95 2.69 2.14
C ASN A 22 9.10 1.74 2.53
N SER A 23 9.16 0.56 1.95
CA SER A 23 10.20 -0.39 2.29
C SER A 23 11.52 0.08 1.69
N GLY A 24 11.43 0.63 0.48
CA GLY A 24 12.67 1.07 -0.15
C GLY A 24 13.10 2.42 0.39
N ILE A 25 12.13 3.22 0.83
CA ILE A 25 12.50 4.49 1.43
C ILE A 25 12.95 4.33 2.89
N GLY A 26 12.35 3.38 3.60
CA GLY A 26 12.70 3.19 5.00
C GLY A 26 11.86 2.06 5.56
N GLU A 27 12.15 0.84 5.08
CA GLU A 27 11.52 -0.37 5.60
C GLU A 27 11.67 -0.42 7.15
N ASP A 5 -16.49 -2.30 -1.38
CA ASP A 5 -16.23 -2.42 -2.81
C ASP A 5 -14.90 -1.77 -3.16
N ALA A 6 -14.96 -0.66 -3.93
CA ALA A 6 -13.72 -0.07 -4.37
C ALA A 6 -12.98 0.59 -3.20
N LEU A 7 -13.70 0.89 -2.10
CA LEU A 7 -13.00 1.55 -1.00
C LEU A 7 -12.01 0.61 -0.32
N THR A 8 -12.50 -0.58 0.07
CA THR A 8 -11.57 -1.53 0.66
C THR A 8 -10.65 -2.11 -0.41
N LEU A 9 -11.16 -2.19 -1.64
CA LEU A 9 -10.32 -2.70 -2.70
C LEU A 9 -9.15 -1.73 -2.96
N SER A 10 -9.52 -0.44 -2.93
CA SER A 10 -8.52 0.57 -3.19
C SER A 10 -7.58 0.67 -1.99
N SER A 11 -8.11 1.10 -0.83
CA SER A 11 -7.27 1.23 0.36
C SER A 11 -6.35 0.01 0.53
N ALA A 12 -6.88 -1.19 0.24
CA ALA A 12 -6.04 -2.38 0.28
C ALA A 12 -4.78 -2.23 -0.61
N MET A 13 -4.99 -1.86 -1.89
CA MET A 13 -3.80 -1.72 -2.73
C MET A 13 -2.88 -0.61 -2.19
N TRP A 14 -3.48 0.32 -1.42
CA TRP A 14 -2.68 1.41 -0.89
C TRP A 14 -1.74 0.93 0.21
N PHE A 15 -2.19 -0.06 0.98
CA PHE A 15 -1.34 -0.54 2.06
C PHE A 15 -0.19 -1.36 1.47
N SER A 16 -0.56 -2.40 0.70
CA SER A 16 0.50 -3.24 0.13
C SER A 16 1.52 -2.42 -0.67
N TRP A 17 1.00 -1.61 -1.62
CA TRP A 17 1.94 -0.79 -2.37
C TRP A 17 2.62 0.24 -1.48
N GLY A 18 1.88 0.66 -0.42
CA GLY A 18 2.46 1.61 0.52
C GLY A 18 3.66 1.03 1.24
N VAL A 19 3.62 -0.28 1.48
CA VAL A 19 4.75 -0.91 2.14
C VAL A 19 5.91 -1.00 1.17
N LEU A 20 5.67 -1.48 -0.06
CA LEU A 20 6.78 -1.61 -1.01
C LEU A 20 7.59 -0.31 -1.14
N LEU A 21 6.92 0.77 -1.51
CA LEU A 21 7.63 2.05 -1.59
C LEU A 21 8.25 2.44 -0.23
N ASN A 22 7.43 2.32 0.84
CA ASN A 22 7.95 2.69 2.14
C ASN A 22 9.09 1.73 2.55
N SER A 23 9.17 0.56 1.93
CA SER A 23 10.19 -0.39 2.29
C SER A 23 11.53 0.06 1.70
N GLY A 24 11.43 0.64 0.48
CA GLY A 24 12.67 1.06 -0.14
C GLY A 24 13.12 2.42 0.41
N ILE A 25 12.14 3.22 0.83
CA ILE A 25 12.51 4.49 1.43
C ILE A 25 12.96 4.33 2.89
N GLY A 26 12.35 3.38 3.60
CA GLY A 26 12.70 3.20 5.00
C GLY A 26 11.87 2.07 5.57
N GLU A 27 12.15 0.84 5.05
CA GLU A 27 11.51 -0.37 5.59
C GLU A 27 11.67 -0.42 7.13
N ASP A 5 -16.86 -1.39 -0.20
CA ASP A 5 -16.79 -1.95 -1.54
C ASP A 5 -15.45 -1.54 -2.18
N ALA A 6 -15.48 -0.67 -3.21
CA ALA A 6 -14.24 -0.36 -3.89
C ALA A 6 -13.30 0.42 -2.97
N LEU A 7 -13.84 0.99 -1.88
CA LEU A 7 -12.94 1.75 -1.01
C LEU A 7 -11.93 0.82 -0.32
N THR A 8 -12.46 -0.29 0.23
CA THR A 8 -11.55 -1.24 0.86
C THR A 8 -10.75 -1.98 -0.20
N LEU A 9 -11.41 -2.23 -1.33
CA LEU A 9 -10.71 -2.92 -2.40
C LEU A 9 -9.53 -2.08 -2.89
N SER A 10 -9.77 -0.78 -3.05
CA SER A 10 -8.74 0.12 -3.52
C SER A 10 -7.68 0.33 -2.44
N SER A 11 -8.14 0.87 -1.28
CA SER A 11 -7.21 1.16 -0.19
C SER A 11 -6.28 -0.04 0.05
N ALA A 12 -6.85 -1.25 -0.05
CA ALA A 12 -6.02 -2.44 0.05
C ALA A 12 -4.82 -2.43 -0.92
N MET A 13 -5.08 -2.30 -2.23
CA MET A 13 -4.00 -2.24 -3.17
C MET A 13 -3.03 -1.08 -2.85
N TRP A 14 -3.64 -0.02 -2.29
CA TRP A 14 -2.84 1.13 -1.91
C TRP A 14 -1.98 0.84 -0.67
N PHE A 15 -2.47 -0.06 0.20
CA PHE A 15 -1.75 -0.37 1.41
C PHE A 15 -0.46 -1.11 1.09
N SER A 16 -0.61 -2.31 0.49
CA SER A 16 0.57 -3.11 0.13
C SER A 16 1.64 -2.26 -0.59
N TRP A 17 1.14 -1.40 -1.50
CA TRP A 17 2.08 -0.53 -2.20
C TRP A 17 2.76 0.45 -1.24
N GLY A 18 1.97 0.98 -0.28
CA GLY A 18 2.55 1.90 0.68
C GLY A 18 3.66 1.23 1.51
N VAL A 19 3.56 -0.11 1.62
CA VAL A 19 4.62 -0.83 2.32
C VAL A 19 5.88 -0.83 1.46
N LEU A 20 5.73 -1.22 0.19
CA LEU A 20 6.89 -1.27 -0.67
C LEU A 20 7.60 0.08 -0.72
N LEU A 21 6.79 1.15 -0.68
CA LEU A 21 7.38 2.48 -0.65
C LEU A 21 8.32 2.66 0.55
N ASN A 22 7.75 2.45 1.75
CA ASN A 22 8.56 2.63 2.94
C ASN A 22 9.62 1.54 3.06
N SER A 23 9.46 0.50 2.23
CA SER A 23 10.43 -0.56 2.20
C SER A 23 11.59 -0.16 1.29
N GLY A 24 11.38 0.77 0.35
CA GLY A 24 12.50 1.15 -0.52
C GLY A 24 13.31 2.30 0.06
N ILE A 25 12.65 3.17 0.85
CA ILE A 25 13.42 4.21 1.50
C ILE A 25 13.99 3.70 2.83
N GLY A 26 13.24 2.78 3.46
CA GLY A 26 13.74 2.23 4.71
C GLY A 26 14.96 1.33 4.49
N GLU A 27 14.86 0.47 3.46
CA GLU A 27 15.95 -0.45 3.16
C GLU A 27 16.05 -0.63 1.63
N ASP A 5 -16.70 -0.59 0.73
CA ASP A 5 -16.81 -1.29 -0.54
C ASP A 5 -15.54 -1.06 -1.36
N ALA A 6 -15.61 -0.25 -2.43
CA ALA A 6 -14.40 -0.08 -3.23
C ALA A 6 -13.34 0.73 -2.48
N LEU A 7 -13.74 1.43 -1.41
CA LEU A 7 -12.75 2.23 -0.71
C LEU A 7 -11.75 1.34 0.02
N THR A 8 -12.26 0.35 0.78
CA THR A 8 -11.37 -0.55 1.50
C THR A 8 -10.66 -1.48 0.50
N LEU A 9 -11.43 -1.85 -0.54
CA LEU A 9 -10.86 -2.74 -1.54
C LEU A 9 -9.75 -2.01 -2.32
N SER A 10 -9.97 -0.73 -2.54
CA SER A 10 -8.98 0.04 -3.27
C SER A 10 -7.76 0.31 -2.40
N SER A 11 -8.00 1.01 -1.27
CA SER A 11 -6.89 1.38 -0.39
C SER A 11 -6.01 0.17 -0.11
N ALA A 12 -6.64 -0.99 0.09
CA ALA A 12 -5.92 -2.24 0.28
C ALA A 12 -4.87 -2.46 -0.82
N MET A 13 -5.34 -2.51 -2.08
CA MET A 13 -4.37 -2.72 -3.14
C MET A 13 -3.33 -1.58 -3.21
N TRP A 14 -3.73 -0.40 -2.67
CA TRP A 14 -2.75 0.69 -2.57
C TRP A 14 -1.73 0.42 -1.45
N PHE A 15 -2.18 -0.27 -0.40
CA PHE A 15 -1.29 -0.55 0.71
C PHE A 15 -0.14 -1.44 0.27
N SER A 16 -0.46 -2.53 -0.45
CA SER A 16 0.59 -3.42 -0.92
C SER A 16 1.78 -2.65 -1.51
N TRP A 17 1.48 -1.84 -2.54
CA TRP A 17 2.54 -1.04 -3.12
C TRP A 17 3.05 0.00 -2.12
N GLY A 18 2.21 0.38 -1.16
CA GLY A 18 2.68 1.31 -0.15
C GLY A 18 3.69 0.64 0.78
N VAL A 19 3.62 -0.69 0.90
CA VAL A 19 4.55 -1.36 1.78
C VAL A 19 5.97 -1.23 1.21
N LEU A 20 6.13 -1.67 -0.04
CA LEU A 20 7.45 -1.61 -0.66
C LEU A 20 8.00 -0.17 -0.66
N LEU A 21 7.10 0.79 -0.93
CA LEU A 21 7.53 2.17 -0.87
C LEU A 21 8.09 2.51 0.53
N ASN A 22 7.38 2.06 1.56
CA ASN A 22 7.85 2.38 2.89
C ASN A 22 9.10 1.57 3.20
N SER A 23 9.27 0.47 2.45
CA SER A 23 10.46 -0.33 2.62
C SER A 23 11.64 0.31 1.88
N GLY A 24 11.41 1.27 0.96
CA GLY A 24 12.58 1.90 0.35
C GLY A 24 12.96 3.19 1.07
N ILE A 25 11.96 3.76 1.76
CA ILE A 25 12.28 4.95 2.54
C ILE A 25 12.85 4.56 3.90
N GLY A 26 12.44 3.39 4.40
CA GLY A 26 12.94 2.97 5.70
C GLY A 26 13.90 1.80 5.61
N GLU A 27 14.11 1.27 4.39
CA GLU A 27 14.91 0.07 4.21
C GLU A 27 15.57 0.09 2.81
N ASP A 5 -16.74 -1.81 0.64
CA ASP A 5 -16.63 -2.55 -0.61
C ASP A 5 -15.36 -2.16 -1.36
N ALA A 6 -15.52 -1.43 -2.49
CA ALA A 6 -14.34 -1.14 -3.28
C ALA A 6 -13.44 -0.13 -2.57
N LEU A 7 -13.95 0.52 -1.52
CA LEU A 7 -13.10 1.48 -0.82
C LEU A 7 -11.97 0.77 -0.07
N THR A 8 -12.35 -0.28 0.66
CA THR A 8 -11.33 -1.05 1.34
C THR A 8 -10.50 -1.84 0.34
N LEU A 9 -11.19 -2.28 -0.72
CA LEU A 9 -10.49 -3.05 -1.74
C LEU A 9 -9.48 -2.16 -2.47
N SER A 10 -9.89 -0.92 -2.67
CA SER A 10 -9.03 0.03 -3.34
C SER A 10 -7.89 0.46 -2.43
N SER A 11 -8.25 1.20 -1.37
CA SER A 11 -7.24 1.69 -0.44
C SER A 11 -6.26 0.55 -0.05
N ALA A 12 -6.80 -0.66 0.14
CA ALA A 12 -5.91 -1.79 0.40
C ALA A 12 -4.92 -2.02 -0.74
N MET A 13 -5.44 -2.19 -1.97
CA MET A 13 -4.51 -2.41 -3.06
C MET A 13 -3.45 -1.32 -3.18
N TRP A 14 -3.83 -0.12 -2.70
CA TRP A 14 -2.85 0.97 -2.66
C TRP A 14 -1.85 0.76 -1.51
N PHE A 15 -2.33 0.25 -0.37
CA PHE A 15 -1.44 0.05 0.77
C PHE A 15 -0.24 -0.83 0.38
N SER A 16 -0.53 -1.87 -0.42
CA SER A 16 0.56 -2.75 -0.88
C SER A 16 1.73 -1.92 -1.47
N TRP A 17 1.34 -1.00 -2.37
CA TRP A 17 2.38 -0.16 -2.95
C TRP A 17 3.02 0.77 -1.91
N GLY A 18 2.23 1.17 -0.91
CA GLY A 18 2.81 2.04 0.11
C GLY A 18 3.74 1.26 1.05
N VAL A 19 3.53 -0.06 1.10
CA VAL A 19 4.36 -0.88 1.96
C VAL A 19 5.75 -0.99 1.35
N LEU A 20 5.78 -1.40 0.06
CA LEU A 20 7.09 -1.51 -0.58
C LEU A 20 7.81 -0.14 -0.56
N LEU A 21 6.98 0.91 -0.64
CA LEU A 21 7.54 2.25 -0.63
C LEU A 21 8.36 2.45 0.65
N ASN A 22 7.68 2.29 1.80
CA ASN A 22 8.39 2.50 3.05
C ASN A 22 9.53 1.49 3.22
N SER A 23 9.33 0.35 2.52
CA SER A 23 10.33 -0.71 2.55
C SER A 23 11.61 -0.31 1.83
N GLY A 24 11.45 0.61 0.88
CA GLY A 24 12.64 1.05 0.15
C GLY A 24 13.30 2.22 0.85
N ILE A 25 12.48 2.98 1.60
CA ILE A 25 13.07 4.07 2.36
C ILE A 25 13.87 3.54 3.56
N GLY A 26 13.29 2.57 4.26
CA GLY A 26 14.00 2.08 5.43
C GLY A 26 13.46 0.72 5.85
N GLU A 27 13.41 -0.19 4.83
CA GLU A 27 12.96 -1.58 4.99
C GLU A 27 11.58 -1.68 5.71
#